data_6FBC
#
_entry.id   6FBC
#
_cell.length_a   109.230
_cell.length_b   109.230
_cell.length_c   90.700
_cell.angle_alpha   90.00
_cell.angle_beta   90.00
_cell.angle_gamma   120.00
#
_symmetry.space_group_name_H-M   'P 31 2 1'
#
loop_
_entity.id
_entity.type
_entity.pdbx_description
1 polymer 'DNA polymerase I, thermostable'
2 polymer "DNA (5'-D(*GP*AP*CP*CP*AP*CP*GP*GP*CP*CP*AP*(OH3))-3')"
3 polymer "DNA (5'-D(*AP*AP*AP*CP*GP*TP*GP*GP*CP*CP*GP*TP*GP*GP*TP*C)-3')"
4 non-polymer "2'-deoxy-5'-O-[(R)-hydroxy{[(R)-hydroxy(phosphonooxy)phosphoryl]amino}phosphoryl]guanosine"
5 non-polymer 1,2-ETHANEDIOL
6 non-polymer 'MANGANESE (II) ION'
7 non-polymer 'MAGNESIUM ION'
8 water water
#
loop_
_entity_poly.entity_id
_entity_poly.type
_entity_poly.pdbx_seq_one_letter_code
_entity_poly.pdbx_strand_id
1 'polypeptide(L)'
;MALEEAPWPPPEGAFVGFVLSRKEPMWADLLALAAARGGRVHRAPEPYKALRDLKEARGLLAKDLSVLALREGLGLPPGD
DPMLLAYLLDPSNTTPEGVARRYGGEWTEEAGERAALSERLFANLWGRLEGEERLLWLYREVERPLSAVLAHMEATGVRL
DVAYLRALSLEVAEEIARLEAEVFRLAGHPFNLNSRDQLERVLFDELGLPAIGKTEKTGKRSTSAAVLEALREAHPIVEK
ILQYRELTKLKSTYIDPLPDLIHPRTGRLHTRFNQTATATGRLSSSDPNLQNIPVRTPLGQRIRRAFIAEEGWLLVALDY
SQIELRVLAHLSGDENLIRVFQEGRDIHTETASWMFGVPREAVDPLMRRAAKTINFGVLYGMSAHRLSQELAIPYEEAQA
FIERYFQSFPKVRAWIEKTLEEGRRRGYVETLFGRRRYVPDLEARVKSVREAAERMAFNMPVQGTAADLMKLAMVKLFPR
LEEMGARMLLQVHDELVLEAPKERAEAVARLAKEVMEGVYPLAVPLEVEVGIGEDWLSAKE
;
A
2 'polydeoxyribonucleotide' (DG)(DA)(DC)(DC)(DA)(DC)(DG)(DG)(DC)(DC)(DA)(D4B) B
3 'polydeoxyribonucleotide' (DA)(DA)(DA)(DC)(DG)(DT)(DG)(DG)(DC)(DC)(DG)(DT)(DG)(DG)(DT)(DC) C
#
# COMPACT_ATOMS: atom_id res chain seq x y z
N ALA A 2 40.90 -0.80 -6.26
CA ALA A 2 40.56 -2.18 -5.94
C ALA A 2 40.24 -2.93 -7.21
N LEU A 3 39.04 -2.72 -7.75
CA LEU A 3 38.67 -3.32 -9.02
C LEU A 3 39.46 -2.67 -10.15
N GLU A 4 39.73 -3.45 -11.20
CA GLU A 4 40.45 -2.96 -12.35
C GLU A 4 39.48 -2.28 -13.32
N GLU A 5 39.82 -1.07 -13.73
CA GLU A 5 39.03 -0.39 -14.75
C GLU A 5 39.12 -1.16 -16.06
N ALA A 6 37.95 -1.49 -16.62
CA ALA A 6 37.87 -2.23 -17.87
C ALA A 6 36.92 -1.52 -18.81
N PRO A 7 37.11 -1.69 -20.12
CA PRO A 7 36.25 -0.98 -21.07
C PRO A 7 34.82 -1.49 -21.05
N TRP A 8 33.89 -0.57 -21.28
CA TRP A 8 32.52 -0.96 -21.58
C TRP A 8 32.50 -1.69 -22.93
N PRO A 9 31.61 -2.68 -23.11
CA PRO A 9 30.59 -3.24 -22.21
C PRO A 9 31.07 -4.37 -21.29
N PRO A 10 30.32 -4.63 -20.24
CA PRO A 10 30.67 -5.69 -19.30
C PRO A 10 30.25 -7.04 -19.83
N PRO A 11 30.74 -8.13 -19.24
CA PRO A 11 30.24 -9.44 -19.62
C PRO A 11 28.83 -9.65 -19.09
N GLU A 12 28.15 -10.64 -19.68
CA GLU A 12 26.82 -10.98 -19.21
C GLU A 12 26.87 -11.44 -17.77
N GLY A 13 25.82 -11.12 -17.02
CA GLY A 13 25.75 -11.45 -15.61
C GLY A 13 26.40 -10.46 -14.68
N ALA A 14 26.95 -9.36 -15.19
CA ALA A 14 27.59 -8.38 -14.33
C ALA A 14 26.55 -7.65 -13.50
N PHE A 15 27.00 -7.12 -12.37
CA PHE A 15 26.16 -6.31 -11.50
C PHE A 15 26.22 -4.86 -11.93
N VAL A 16 25.06 -4.21 -11.96
CA VAL A 16 24.92 -2.86 -12.48
C VAL A 16 24.92 -1.86 -11.33
N GLY A 17 25.46 -0.68 -11.61
CA GLY A 17 25.26 0.46 -10.75
C GLY A 17 24.86 1.64 -11.60
N PHE A 18 24.05 2.52 -11.02
CA PHE A 18 23.52 3.63 -11.80
C PHE A 18 23.14 4.79 -10.88
N VAL A 19 23.21 6.00 -11.45
CA VAL A 19 22.86 7.22 -10.74
C VAL A 19 21.76 7.93 -11.50
N LEU A 20 20.68 8.28 -10.80
CA LEU A 20 19.56 9.01 -11.35
C LEU A 20 19.56 10.45 -10.86
N SER A 21 19.07 11.36 -11.69
CA SER A 21 18.93 12.76 -11.31
C SER A 21 17.90 12.96 -10.21
N ARG A 22 16.99 12.00 -10.03
CA ARG A 22 15.94 12.05 -9.04
C ARG A 22 15.43 10.64 -8.85
N LYS A 23 14.73 10.42 -7.74
CA LYS A 23 14.42 9.06 -7.31
C LYS A 23 13.42 8.36 -8.23
N GLU A 24 12.56 9.11 -8.94
CA GLU A 24 11.49 8.48 -9.72
C GLU A 24 12.00 8.05 -11.08
N PRO A 25 12.05 6.74 -11.38
CA PRO A 25 12.66 6.31 -12.65
C PRO A 25 11.96 6.82 -13.89
N MET A 26 10.64 7.02 -13.85
CA MET A 26 9.96 7.52 -15.05
C MET A 26 10.31 8.97 -15.32
N TRP A 27 10.85 9.68 -14.34
CA TRP A 27 11.15 11.10 -14.50
C TRP A 27 12.65 11.40 -14.51
N ALA A 28 13.48 10.43 -14.19
CA ALA A 28 14.89 10.67 -13.96
C ALA A 28 15.69 10.74 -15.25
N ASP A 29 16.70 11.59 -15.23
CA ASP A 29 17.79 11.55 -16.17
C ASP A 29 18.80 10.53 -15.66
N LEU A 30 19.24 9.63 -16.54
CA LEU A 30 20.27 8.65 -16.20
C LEU A 30 21.63 9.34 -16.31
N LEU A 31 22.24 9.64 -15.17
CA LEU A 31 23.47 10.42 -15.15
C LEU A 31 24.70 9.55 -15.36
N ALA A 32 24.65 8.28 -14.98
CA ALA A 32 25.82 7.43 -15.06
C ALA A 32 25.39 5.98 -14.91
N LEU A 33 26.17 5.10 -15.54
CA LEU A 33 25.90 3.68 -15.58
C LEU A 33 27.23 2.96 -15.55
N ALA A 34 27.29 1.87 -14.78
CA ALA A 34 28.51 1.10 -14.64
C ALA A 34 28.14 -0.34 -14.32
N ALA A 35 29.13 -1.22 -14.44
CA ALA A 35 28.90 -2.63 -14.16
C ALA A 35 30.16 -3.24 -13.56
N ALA A 36 29.98 -4.30 -12.77
CA ALA A 36 31.10 -4.93 -12.09
C ALA A 36 30.97 -6.44 -12.17
N ARG A 37 32.10 -7.10 -12.45
CA ARG A 37 32.18 -8.56 -12.41
C ARG A 37 33.63 -8.97 -12.59
N GLY A 38 33.98 -10.10 -11.98
CA GLY A 38 35.27 -10.70 -12.26
C GLY A 38 36.46 -9.88 -11.81
N GLY A 39 36.29 -9.10 -10.75
CA GLY A 39 37.34 -8.19 -10.32
C GLY A 39 37.51 -6.96 -11.18
N ARG A 40 36.55 -6.66 -12.05
CA ARG A 40 36.63 -5.52 -12.93
C ARG A 40 35.40 -4.63 -12.76
N VAL A 41 35.59 -3.36 -13.08
CA VAL A 41 34.50 -2.39 -13.14
C VAL A 41 34.50 -1.75 -14.53
N HIS A 42 33.33 -1.67 -15.14
CA HIS A 42 33.17 -1.10 -16.48
C HIS A 42 32.27 0.12 -16.37
N ARG A 43 32.77 1.29 -16.78
CA ARG A 43 32.01 2.53 -16.72
C ARG A 43 31.57 2.95 -18.11
N ALA A 44 30.28 3.23 -18.26
CA ALA A 44 29.71 3.53 -19.56
C ALA A 44 30.10 4.95 -19.99
N PRO A 45 30.67 5.13 -21.19
CA PRO A 45 30.95 6.50 -21.64
C PRO A 45 29.70 7.35 -21.79
N GLU A 46 28.64 6.79 -22.36
CA GLU A 46 27.36 7.49 -22.47
C GLU A 46 26.28 6.55 -21.94
N PRO A 47 25.66 6.86 -20.80
CA PRO A 47 24.82 5.84 -20.15
C PRO A 47 23.58 5.43 -20.94
N TYR A 48 22.94 6.35 -21.66
CA TYR A 48 21.71 5.96 -22.37
C TYR A 48 22.01 4.93 -23.44
N LYS A 49 22.99 5.22 -24.30
CA LYS A 49 23.35 4.24 -25.32
C LYS A 49 23.85 2.95 -24.68
N ALA A 50 24.56 3.06 -23.55
CA ALA A 50 25.11 1.90 -22.89
C ALA A 50 24.03 0.96 -22.33
N LEU A 51 22.83 1.47 -22.05
CA LEU A 51 21.75 0.61 -21.57
C LEU A 51 21.45 -0.52 -22.53
N ARG A 52 21.60 -0.29 -23.82
CA ARG A 52 21.23 -1.28 -24.82
C ARG A 52 22.10 -2.53 -24.76
N ASP A 53 23.25 -2.45 -24.10
CA ASP A 53 24.17 -3.58 -24.05
C ASP A 53 23.86 -4.56 -22.93
N LEU A 54 23.05 -4.16 -21.95
CA LEU A 54 22.70 -5.04 -20.86
C LEU A 54 21.51 -5.90 -21.25
N LYS A 55 21.55 -7.17 -20.86
CA LYS A 55 20.43 -8.07 -21.07
C LYS A 55 19.56 -8.21 -19.83
N GLU A 56 20.08 -7.83 -18.67
CA GLU A 56 19.38 -7.94 -17.40
C GLU A 56 19.93 -6.86 -16.48
N ALA A 57 19.07 -6.34 -15.61
CA ALA A 57 19.48 -5.43 -14.56
C ALA A 57 19.63 -6.22 -13.26
N ARG A 58 20.88 -6.46 -12.86
CA ARG A 58 21.21 -7.16 -11.63
C ARG A 58 21.93 -6.19 -10.70
N GLY A 59 21.37 -5.93 -9.53
CA GLY A 59 22.05 -5.08 -8.57
C GLY A 59 21.05 -4.33 -7.73
N LEU A 60 21.59 -3.43 -6.91
CA LEU A 60 20.75 -2.61 -6.05
C LEU A 60 19.73 -1.84 -6.89
N LEU A 61 18.47 -1.87 -6.45
CA LEU A 61 17.38 -1.10 -7.07
C LEU A 61 17.22 -1.47 -8.55
N ALA A 62 17.36 -2.76 -8.85
CA ALA A 62 17.28 -3.23 -10.23
C ALA A 62 15.97 -2.80 -10.90
N LYS A 63 14.86 -2.89 -10.19
CA LYS A 63 13.57 -2.54 -10.80
C LYS A 63 13.58 -1.11 -11.32
N ASP A 64 14.14 -0.17 -10.56
CA ASP A 64 14.14 1.22 -10.99
C ASP A 64 14.85 1.38 -12.32
N LEU A 65 15.98 0.69 -12.51
CA LEU A 65 16.67 0.82 -13.79
C LEU A 65 15.86 0.17 -14.91
N SER A 66 15.20 -0.94 -14.61
CA SER A 66 14.33 -1.59 -15.59
CA SER A 66 14.33 -1.59 -15.59
C SER A 66 13.21 -0.66 -16.02
N VAL A 67 12.61 0.07 -15.08
CA VAL A 67 11.54 1.00 -15.44
C VAL A 67 12.07 2.06 -16.39
N LEU A 68 13.24 2.63 -16.09
CA LEU A 68 13.78 3.65 -16.97
C LEU A 68 14.11 3.06 -18.34
N ALA A 69 14.59 1.82 -18.36
CA ALA A 69 14.85 1.15 -19.64
C ALA A 69 13.56 0.96 -20.44
N LEU A 70 12.49 0.53 -19.77
CA LEU A 70 11.20 0.41 -20.46
C LEU A 70 10.73 1.74 -21.01
N ARG A 71 10.90 2.80 -20.22
CA ARG A 71 10.55 4.14 -20.70
C ARG A 71 11.25 4.45 -22.01
N GLU A 72 12.51 4.06 -22.13
CA GLU A 72 13.30 4.28 -23.33
C GLU A 72 13.03 3.23 -24.40
N GLY A 73 12.07 2.36 -24.18
CA GLY A 73 11.70 1.37 -25.19
C GLY A 73 12.58 0.15 -25.21
N LEU A 74 13.25 -0.17 -24.10
CA LEU A 74 14.19 -1.28 -24.04
C LEU A 74 13.67 -2.35 -23.10
N GLY A 75 13.80 -3.61 -23.53
CA GLY A 75 13.42 -4.72 -22.68
C GLY A 75 14.57 -5.16 -21.79
N LEU A 76 14.62 -4.61 -20.59
CA LEU A 76 15.72 -4.89 -19.66
C LEU A 76 15.13 -5.37 -18.34
N PRO A 77 14.90 -6.68 -18.19
CA PRO A 77 14.22 -7.16 -16.99
C PRO A 77 15.11 -7.08 -15.76
N PRO A 78 14.55 -6.77 -14.60
CA PRO A 78 15.35 -6.82 -13.37
C PRO A 78 15.55 -8.25 -12.93
N GLY A 79 16.75 -8.54 -12.41
CA GLY A 79 17.03 -9.84 -11.84
C GLY A 79 17.37 -9.74 -10.38
N ASP A 80 18.47 -10.37 -9.97
CA ASP A 80 18.89 -10.32 -8.57
C ASP A 80 19.03 -8.88 -8.10
N ASP A 81 18.60 -8.62 -6.86
CA ASP A 81 18.73 -7.33 -6.21
C ASP A 81 19.02 -7.59 -4.74
N PRO A 82 20.19 -7.21 -4.23
CA PRO A 82 20.45 -7.41 -2.79
C PRO A 82 19.42 -6.78 -1.87
N MET A 83 18.76 -5.70 -2.29
CA MET A 83 17.72 -5.14 -1.44
C MET A 83 16.65 -6.18 -1.13
N LEU A 84 16.27 -7.00 -2.11
CA LEU A 84 15.24 -8.01 -1.86
C LEU A 84 15.73 -9.11 -0.92
N LEU A 85 17.00 -9.51 -1.04
CA LEU A 85 17.57 -10.47 -0.10
C LEU A 85 17.55 -9.91 1.32
N ALA A 86 17.99 -8.66 1.45
CA ALA A 86 18.06 -8.04 2.78
C ALA A 86 16.67 -7.86 3.37
N TYR A 87 15.70 -7.45 2.54
CA TYR A 87 14.34 -7.22 3.00
C TYR A 87 13.71 -8.51 3.49
N LEU A 88 13.99 -9.63 2.83
CA LEU A 88 13.48 -10.91 3.32
C LEU A 88 14.16 -11.37 4.61
N LEU A 89 15.44 -11.06 4.80
CA LEU A 89 16.09 -11.38 6.07
C LEU A 89 15.47 -10.61 7.23
N ASP A 90 15.08 -9.34 6.97
CA ASP A 90 14.64 -8.42 8.02
C ASP A 90 13.96 -7.26 7.32
N PRO A 91 12.63 -7.12 7.40
CA PRO A 91 11.97 -6.07 6.60
C PRO A 91 12.23 -4.67 7.10
N SER A 92 12.98 -4.50 8.18
CA SER A 92 13.47 -3.17 8.49
C SER A 92 14.61 -2.75 7.56
N ASN A 93 15.13 -3.66 6.75
CA ASN A 93 16.08 -3.33 5.69
C ASN A 93 15.30 -2.73 4.53
N THR A 94 15.18 -1.40 4.50
CA THR A 94 14.36 -0.71 3.51
C THR A 94 15.12 0.23 2.60
N THR A 95 16.36 0.61 2.91
CA THR A 95 17.10 1.58 2.14
C THR A 95 18.47 1.03 1.75
N PRO A 96 19.02 1.48 0.62
CA PRO A 96 20.38 1.04 0.26
C PRO A 96 21.43 1.58 1.21
N GLU A 97 21.24 2.78 1.75
CA GLU A 97 22.19 3.31 2.72
C GLU A 97 22.34 2.35 3.89
N GLY A 98 21.21 1.86 4.42
CA GLY A 98 21.25 1.01 5.59
C GLY A 98 21.71 -0.40 5.29
N VAL A 99 21.25 -0.94 4.15
CA VAL A 99 21.65 -2.29 3.75
C VAL A 99 23.14 -2.34 3.49
N ALA A 100 23.68 -1.32 2.83
CA ALA A 100 25.13 -1.26 2.61
C ALA A 100 25.88 -1.28 3.93
N ARG A 101 25.52 -0.38 4.85
CA ARG A 101 26.26 -0.31 6.11
C ARG A 101 26.18 -1.62 6.87
N ARG A 102 25.05 -2.31 6.77
CA ARG A 102 24.83 -3.52 7.57
C ARG A 102 25.55 -4.72 6.97
N TYR A 103 25.65 -4.81 5.65
CA TYR A 103 26.10 -6.04 5.02
C TYR A 103 27.38 -5.88 4.20
N GLY A 104 28.03 -4.70 4.23
CA GLY A 104 29.44 -4.64 3.89
C GLY A 104 29.91 -3.58 2.91
N GLY A 105 29.41 -2.35 3.02
CA GLY A 105 29.86 -1.31 2.12
C GLY A 105 29.23 0.02 2.45
N GLU A 106 29.33 0.94 1.49
CA GLU A 106 28.83 2.30 1.63
C GLU A 106 28.11 2.67 0.34
N TRP A 107 26.88 3.15 0.48
CA TRP A 107 26.10 3.63 -0.67
C TRP A 107 26.54 5.05 -0.99
N THR A 108 27.23 5.22 -2.11
CA THR A 108 27.74 6.52 -2.54
C THR A 108 26.92 7.02 -3.73
N GLU A 109 27.42 8.07 -4.38
CA GLU A 109 26.74 8.70 -5.51
C GLU A 109 27.48 8.47 -6.82
N GLU A 110 28.25 7.38 -6.91
CA GLU A 110 29.05 7.08 -8.08
C GLU A 110 28.66 5.69 -8.60
N ALA A 111 28.34 5.63 -9.90
CA ALA A 111 27.80 4.40 -10.46
C ALA A 111 28.76 3.23 -10.32
N GLY A 112 30.04 3.45 -10.59
CA GLY A 112 31.00 2.36 -10.47
C GLY A 112 31.04 1.80 -9.06
N GLU A 113 31.08 2.68 -8.06
CA GLU A 113 31.06 2.22 -6.67
C GLU A 113 29.77 1.48 -6.37
N ARG A 114 28.64 1.96 -6.92
CA ARG A 114 27.36 1.29 -6.70
C ARG A 114 27.35 -0.09 -7.33
N ALA A 115 27.98 -0.23 -8.50
CA ALA A 115 28.08 -1.55 -9.14
C ALA A 115 28.92 -2.49 -8.28
N ALA A 116 30.09 -2.04 -7.86
CA ALA A 116 30.94 -2.87 -7.01
C ALA A 116 30.22 -3.23 -5.72
N LEU A 117 29.52 -2.26 -5.13
CA LEU A 117 28.78 -2.51 -3.91
C LEU A 117 27.72 -3.58 -4.12
N SER A 118 26.95 -3.44 -5.20
CA SER A 118 25.93 -4.42 -5.53
C SER A 118 26.52 -5.83 -5.57
N GLU A 119 27.67 -5.98 -6.23
CA GLU A 119 28.27 -7.30 -6.35
C GLU A 119 28.66 -7.86 -4.99
N ARG A 120 29.27 -7.01 -4.15
CA ARG A 120 29.76 -7.42 -2.86
C ARG A 120 28.61 -7.74 -1.90
N LEU A 121 27.57 -6.90 -1.90
CA LEU A 121 26.42 -7.16 -1.05
C LEU A 121 25.67 -8.42 -1.46
N PHE A 122 25.55 -8.66 -2.78
CA PHE A 122 24.89 -9.88 -3.20
C PHE A 122 25.65 -11.11 -2.70
N ALA A 123 26.97 -11.12 -2.80
CA ALA A 123 27.74 -12.25 -2.30
C ALA A 123 27.47 -12.47 -0.81
N ASN A 124 27.45 -11.39 -0.02
CA ASN A 124 27.34 -11.57 1.42
C ASN A 124 25.93 -11.96 1.83
N LEU A 125 24.92 -11.30 1.26
CA LEU A 125 23.53 -11.61 1.59
C LEU A 125 23.14 -13.00 1.10
N TRP A 126 23.66 -13.40 -0.06
CA TRP A 126 23.45 -14.77 -0.50
C TRP A 126 24.01 -15.75 0.52
N GLY A 127 25.17 -15.45 1.09
CA GLY A 127 25.70 -16.28 2.15
C GLY A 127 24.80 -16.34 3.36
N ARG A 128 24.20 -15.20 3.71
CA ARG A 128 23.34 -15.13 4.90
C ARG A 128 22.07 -15.95 4.72
N LEU A 129 21.62 -16.13 3.49
CA LEU A 129 20.38 -16.87 3.24
C LEU A 129 20.60 -18.35 2.99
N GLU A 130 21.85 -18.84 2.99
CA GLU A 130 22.07 -20.27 2.86
C GLU A 130 21.37 -21.01 3.99
N GLY A 131 20.62 -22.05 3.64
CA GLY A 131 19.87 -22.80 4.62
C GLY A 131 18.56 -22.17 5.03
N GLU A 132 18.26 -20.95 4.59
CA GLU A 132 16.97 -20.32 4.86
C GLU A 132 16.03 -20.61 3.68
N GLU A 133 15.63 -21.88 3.59
CA GLU A 133 14.96 -22.36 2.38
C GLU A 133 13.63 -21.68 2.16
N ARG A 134 12.90 -21.35 3.22
CA ARG A 134 11.60 -20.68 3.02
C ARG A 134 11.80 -19.24 2.54
N LEU A 135 12.79 -18.54 3.08
CA LEU A 135 13.08 -17.20 2.57
C LEU A 135 13.61 -17.25 1.14
N LEU A 136 14.44 -18.26 0.83
CA LEU A 136 14.93 -18.40 -0.53
C LEU A 136 13.79 -18.71 -1.49
N TRP A 137 12.81 -19.50 -1.03
CA TRP A 137 11.62 -19.75 -1.84
C TRP A 137 10.85 -18.45 -2.08
N LEU A 138 10.71 -17.62 -1.06
CA LEU A 138 10.06 -16.33 -1.27
C LEU A 138 10.83 -15.49 -2.27
N TYR A 139 12.17 -15.52 -2.19
CA TYR A 139 12.98 -14.74 -3.11
C TYR A 139 12.80 -15.21 -4.55
N ARG A 140 12.96 -16.52 -4.76
CA ARG A 140 12.96 -17.07 -6.12
C ARG A 140 11.57 -17.12 -6.73
N GLU A 141 10.54 -17.37 -5.92
CA GLU A 141 9.20 -17.62 -6.44
C GLU A 141 8.26 -16.44 -6.31
N VAL A 142 8.60 -15.44 -5.50
CA VAL A 142 7.74 -14.28 -5.31
C VAL A 142 8.50 -13.00 -5.61
N GLU A 143 9.47 -12.63 -4.77
CA GLU A 143 10.00 -11.27 -4.84
C GLU A 143 10.77 -11.00 -6.14
N ARG A 144 11.70 -11.90 -6.49
CA ARG A 144 12.48 -11.63 -7.70
C ARG A 144 11.60 -11.59 -8.94
N PRO A 145 10.72 -12.55 -9.19
CA PRO A 145 9.85 -12.41 -10.37
C PRO A 145 8.87 -11.26 -10.24
N LEU A 146 8.40 -10.95 -9.04
CA LEU A 146 7.48 -9.83 -8.86
C LEU A 146 8.11 -8.52 -9.30
N SER A 147 9.43 -8.34 -9.09
CA SER A 147 10.05 -7.08 -9.47
C SER A 147 9.91 -6.80 -10.96
N ALA A 148 9.88 -7.85 -11.79
CA ALA A 148 9.69 -7.66 -13.22
C ALA A 148 8.27 -7.21 -13.52
N VAL A 149 7.28 -7.80 -12.83
CA VAL A 149 5.89 -7.39 -12.97
C VAL A 149 5.73 -5.92 -12.61
N LEU A 150 6.27 -5.53 -11.44
CA LEU A 150 6.13 -4.16 -10.98
C LEU A 150 6.78 -3.19 -11.95
N ALA A 151 7.93 -3.56 -12.52
CA ALA A 151 8.57 -2.68 -13.49
C ALA A 151 7.65 -2.39 -14.65
N HIS A 152 6.99 -3.43 -15.18
CA HIS A 152 6.05 -3.21 -16.28
C HIS A 152 4.88 -2.35 -15.85
N MET A 153 4.34 -2.56 -14.64
CA MET A 153 3.23 -1.75 -14.18
C MET A 153 3.62 -0.28 -14.11
N GLU A 154 4.77 0.00 -13.49
CA GLU A 154 5.23 1.38 -13.34
C GLU A 154 5.41 2.06 -14.69
N ALA A 155 5.96 1.36 -15.68
CA ALA A 155 6.24 1.96 -16.98
C ALA A 155 4.99 2.12 -17.84
N THR A 156 3.94 1.34 -17.55
CA THR A 156 2.69 1.45 -18.30
C THR A 156 1.88 2.67 -17.85
N GLY A 157 1.69 2.81 -16.56
CA GLY A 157 0.92 3.92 -16.04
C GLY A 157 -0.57 3.77 -16.29
N VAL A 158 -1.32 4.78 -15.80
CA VAL A 158 -2.77 4.78 -15.90
C VAL A 158 -3.22 6.11 -16.48
N ARG A 159 -4.31 6.05 -17.26
CA ARG A 159 -4.86 7.24 -17.91
C ARG A 159 -5.74 8.01 -16.94
N LEU A 160 -5.68 9.34 -17.04
CA LEU A 160 -6.40 10.25 -16.16
C LEU A 160 -7.18 11.24 -17.01
N ASP A 161 -8.42 11.52 -16.61
CA ASP A 161 -9.22 12.55 -17.28
C ASP A 161 -8.82 13.92 -16.71
N VAL A 162 -7.80 14.53 -17.31
N VAL A 162 -7.77 14.48 -17.32
CA VAL A 162 -7.25 15.75 -16.70
CA VAL A 162 -7.19 15.74 -16.85
C VAL A 162 -8.20 16.93 -16.87
C VAL A 162 -8.22 16.85 -16.88
N ALA A 163 -8.84 17.07 -18.04
CA ALA A 163 -9.76 18.18 -18.22
C ALA A 163 -10.87 18.15 -17.17
N TYR A 164 -11.35 16.94 -16.88
CA TYR A 164 -12.37 16.75 -15.86
C TYR A 164 -11.88 17.24 -14.49
N LEU A 165 -10.64 16.86 -14.13
CA LEU A 165 -10.10 17.30 -12.85
C LEU A 165 -9.80 18.79 -12.83
N ARG A 166 -9.39 19.38 -13.96
CA ARG A 166 -9.20 20.83 -13.99
C ARG A 166 -10.51 21.54 -13.68
N ALA A 167 -11.60 21.10 -14.28
CA ALA A 167 -12.89 21.72 -14.02
C ALA A 167 -13.31 21.52 -12.56
N LEU A 168 -13.02 20.34 -12.02
CA LEU A 168 -13.40 20.05 -10.65
C LEU A 168 -12.68 20.97 -9.67
N SER A 169 -11.40 21.23 -9.91
CA SER A 169 -10.64 22.14 -9.05
C SER A 169 -11.31 23.51 -8.94
N LEU A 170 -11.78 24.06 -10.06
CA LEU A 170 -12.39 25.39 -10.03
C LEU A 170 -13.70 25.36 -9.24
N GLU A 171 -14.47 24.29 -9.40
CA GLU A 171 -15.71 24.13 -8.67
C GLU A 171 -15.44 24.04 -7.17
N VAL A 172 -14.48 23.20 -6.78
CA VAL A 172 -14.22 22.97 -5.36
C VAL A 172 -13.64 24.22 -4.72
N ALA A 173 -12.84 25.00 -5.48
CA ALA A 173 -12.32 26.26 -4.94
C ALA A 173 -13.44 27.16 -4.44
N GLU A 174 -14.53 27.28 -5.21
CA GLU A 174 -15.63 28.16 -4.80
C GLU A 174 -16.32 27.63 -3.54
N GLU A 175 -16.51 26.31 -3.46
N GLU A 175 -16.49 26.31 -3.44
CA GLU A 175 -17.09 25.73 -2.24
CA GLU A 175 -17.09 25.72 -2.25
C GLU A 175 -16.21 25.98 -1.03
C GLU A 175 -16.21 25.92 -1.02
N ILE A 176 -14.89 25.86 -1.19
CA ILE A 176 -13.98 26.08 -0.08
C ILE A 176 -14.09 27.52 0.41
N ALA A 177 -14.21 28.47 -0.51
CA ALA A 177 -14.31 29.87 -0.11
C ALA A 177 -15.54 30.11 0.74
N ARG A 178 -16.68 29.50 0.37
CA ARG A 178 -17.89 29.61 1.17
C ARG A 178 -17.64 29.14 2.60
N LEU A 179 -16.97 28.00 2.74
CA LEU A 179 -16.74 27.45 4.09
C LEU A 179 -15.76 28.32 4.86
N GLU A 180 -14.65 28.71 4.23
CA GLU A 180 -13.64 29.51 4.91
C GLU A 180 -14.23 30.83 5.39
N ALA A 181 -15.02 31.48 4.54
CA ALA A 181 -15.62 32.75 4.92
C ALA A 181 -16.54 32.59 6.12
N GLU A 182 -17.31 31.50 6.16
CA GLU A 182 -18.16 31.25 7.32
C GLU A 182 -17.34 30.99 8.58
N VAL A 183 -16.24 30.25 8.48
CA VAL A 183 -15.43 29.99 9.67
C VAL A 183 -14.87 31.30 10.22
N PHE A 184 -14.39 32.18 9.34
CA PHE A 184 -13.82 33.44 9.80
C PHE A 184 -14.89 34.31 10.45
N ARG A 185 -16.09 34.36 9.88
CA ARG A 185 -17.19 35.09 10.50
C ARG A 185 -17.47 34.56 11.90
N LEU A 186 -17.53 33.24 12.05
CA LEU A 186 -17.89 32.65 13.33
C LEU A 186 -16.78 32.81 14.37
N ALA A 187 -15.51 32.77 13.93
CA ALA A 187 -14.40 33.02 14.82
C ALA A 187 -14.31 34.49 15.21
N GLY A 188 -14.93 35.38 14.45
CA GLY A 188 -14.84 36.80 14.66
C GLY A 188 -13.60 37.46 14.09
N HIS A 189 -12.71 36.69 13.45
CA HIS A 189 -11.51 37.24 12.84
C HIS A 189 -10.94 36.19 11.90
N PRO A 190 -10.14 36.60 10.93
CA PRO A 190 -9.46 35.62 10.09
C PRO A 190 -8.22 35.06 10.78
N PHE A 191 -7.83 33.88 10.30
CA PHE A 191 -6.61 33.22 10.74
C PHE A 191 -6.31 32.18 9.69
N ASN A 192 -5.18 31.50 9.82
CA ASN A 192 -4.84 30.44 8.87
C ASN A 192 -5.53 29.16 9.31
N LEU A 193 -6.64 28.85 8.66
CA LEU A 193 -7.42 27.67 9.00
C LEU A 193 -6.67 26.37 8.73
N ASN A 194 -5.63 26.40 7.90
CA ASN A 194 -4.78 25.23 7.70
C ASN A 194 -3.79 25.01 8.83
N SER A 195 -3.67 25.95 9.75
CA SER A 195 -2.73 25.82 10.86
C SER A 195 -3.48 25.23 12.06
N ARG A 196 -3.16 24.00 12.42
CA ARG A 196 -3.84 23.42 13.57
C ARG A 196 -3.47 24.15 14.86
N ASP A 197 -2.31 24.81 14.92
CA ASP A 197 -1.94 25.61 16.08
C ASP A 197 -2.85 26.82 16.22
N GLN A 198 -3.09 27.53 15.11
CA GLN A 198 -3.99 28.68 15.17
C GLN A 198 -5.42 28.22 15.44
N LEU A 199 -5.85 27.10 14.86
CA LEU A 199 -7.21 26.63 15.10
C LEU A 199 -7.39 26.16 16.54
N GLU A 200 -6.36 25.54 17.12
CA GLU A 200 -6.44 25.13 18.52
C GLU A 200 -6.76 26.32 19.39
N ARG A 201 -6.07 27.44 19.16
CA ARG A 201 -6.28 28.63 19.97
C ARG A 201 -7.71 29.13 19.81
N VAL A 202 -8.20 29.20 18.58
CA VAL A 202 -9.54 29.70 18.32
C VAL A 202 -10.59 28.84 19.03
N LEU A 203 -10.49 27.52 18.90
CA LEU A 203 -11.56 26.65 19.38
C LEU A 203 -11.59 26.56 20.90
N PHE A 204 -10.43 26.34 21.52
CA PHE A 204 -10.40 26.01 22.93
C PHE A 204 -10.11 27.20 23.83
N ASP A 205 -9.40 28.23 23.35
CA ASP A 205 -9.17 29.44 24.14
C ASP A 205 -10.18 30.54 23.85
N GLU A 206 -10.39 30.88 22.58
CA GLU A 206 -11.28 31.98 22.24
C GLU A 206 -12.74 31.59 22.37
N LEU A 207 -13.12 30.44 21.82
CA LEU A 207 -14.51 29.99 21.88
C LEU A 207 -14.79 29.06 23.06
N GLY A 208 -13.78 28.67 23.82
CA GLY A 208 -14.01 27.97 25.07
C GLY A 208 -14.63 26.59 24.91
N LEU A 209 -14.43 25.94 23.76
CA LEU A 209 -14.94 24.60 23.58
C LEU A 209 -14.14 23.62 24.44
N PRO A 210 -14.75 22.50 24.83
CA PRO A 210 -14.00 21.49 25.59
C PRO A 210 -12.98 20.77 24.71
N ALA A 211 -11.78 20.58 25.24
CA ALA A 211 -10.70 19.91 24.53
C ALA A 211 -10.60 18.48 25.08
N ILE A 212 -10.97 17.50 24.28
CA ILE A 212 -11.10 16.14 24.80
C ILE A 212 -9.88 15.26 24.57
N GLY A 213 -8.95 15.67 23.70
CA GLY A 213 -7.78 14.87 23.44
C GLY A 213 -6.54 15.71 23.24
N LYS A 214 -5.40 15.04 23.44
CA LYS A 214 -4.08 15.64 23.29
C LYS A 214 -3.31 14.97 22.16
N THR A 215 -2.37 15.72 21.59
CA THR A 215 -1.53 15.19 20.52
C THR A 215 -0.33 14.42 21.10
N GLU A 216 0.23 13.52 20.28
CA GLU A 216 1.16 12.52 20.81
C GLU A 216 2.49 13.15 21.25
N LYS A 217 3.20 13.80 20.34
CA LYS A 217 4.57 14.21 20.59
C LYS A 217 4.66 15.47 21.43
N THR A 218 3.77 16.43 21.20
CA THR A 218 3.89 17.75 21.79
C THR A 218 2.83 18.07 22.82
N GLY A 219 1.80 17.23 22.94
CA GLY A 219 0.83 17.42 24.01
C GLY A 219 -0.07 18.62 23.83
N LYS A 220 -0.29 19.05 22.58
CA LYS A 220 -1.24 20.11 22.32
C LYS A 220 -2.66 19.56 22.41
N ARG A 221 -3.63 20.46 22.57
CA ARG A 221 -5.02 20.07 22.50
C ARG A 221 -5.33 19.72 21.05
N SER A 222 -5.78 18.49 20.82
CA SER A 222 -5.98 18.00 19.47
C SER A 222 -7.17 18.67 18.79
N THR A 223 -7.04 18.87 17.48
CA THR A 223 -8.14 19.32 16.63
C THR A 223 -8.53 18.26 15.61
N SER A 224 -8.23 17.00 15.88
CA SER A 224 -8.45 15.95 14.90
C SER A 224 -9.95 15.78 14.62
N ALA A 225 -10.25 15.16 13.48
CA ALA A 225 -11.64 14.91 13.10
C ALA A 225 -12.37 14.16 14.19
N ALA A 226 -11.69 13.23 14.86
CA ALA A 226 -12.32 12.46 15.93
C ALA A 226 -12.70 13.36 17.10
N VAL A 227 -11.86 14.35 17.40
CA VAL A 227 -12.19 15.31 18.46
C VAL A 227 -13.28 16.27 17.99
N LEU A 228 -13.20 16.74 16.73
CA LEU A 228 -14.21 17.65 16.22
C LEU A 228 -15.57 16.98 16.13
N GLU A 229 -15.59 15.69 15.78
CA GLU A 229 -16.84 14.94 15.76
C GLU A 229 -17.52 15.00 17.11
N ALA A 230 -16.75 14.91 18.19
CA ALA A 230 -17.30 15.00 19.53
C ALA A 230 -17.86 16.39 19.84
N LEU A 231 -17.59 17.39 19.00
CA LEU A 231 -18.04 18.76 19.24
C LEU A 231 -18.97 19.28 18.15
N ARG A 232 -19.50 18.41 17.28
CA ARG A 232 -20.32 18.88 16.17
C ARG A 232 -21.47 19.74 16.65
N GLU A 233 -22.07 19.39 17.79
CA GLU A 233 -23.22 20.11 18.32
C GLU A 233 -22.82 21.17 19.34
N ALA A 234 -21.54 21.23 19.74
CA ALA A 234 -21.11 22.23 20.70
C ALA A 234 -20.93 23.61 20.08
N HIS A 235 -20.90 23.72 18.76
CA HIS A 235 -20.72 25.01 18.09
C HIS A 235 -20.87 24.83 16.58
N PRO A 236 -21.57 25.73 15.88
CA PRO A 236 -21.72 25.56 14.42
C PRO A 236 -20.41 25.68 13.64
N ILE A 237 -19.36 26.28 14.21
CA ILE A 237 -18.10 26.42 13.48
C ILE A 237 -17.49 25.06 13.21
N VAL A 238 -17.69 24.10 14.12
CA VAL A 238 -17.02 22.81 13.99
C VAL A 238 -17.43 22.14 12.69
N GLU A 239 -18.73 22.12 12.40
CA GLU A 239 -19.20 21.52 11.16
C GLU A 239 -18.53 22.12 9.94
N LYS A 240 -18.44 23.46 9.91
CA LYS A 240 -17.80 24.11 8.76
C LYS A 240 -16.33 23.74 8.67
N ILE A 241 -15.64 23.61 9.80
CA ILE A 241 -14.24 23.20 9.80
C ILE A 241 -14.09 21.82 9.19
N LEU A 242 -14.94 20.88 9.60
CA LEU A 242 -14.83 19.52 9.08
C LEU A 242 -15.10 19.49 7.57
N GLN A 243 -16.06 20.28 7.09
CA GLN A 243 -16.29 20.32 5.65
C GLN A 243 -15.12 20.97 4.92
N TYR A 244 -14.57 22.04 5.50
CA TYR A 244 -13.38 22.67 4.94
C TYR A 244 -12.25 21.66 4.80
N ARG A 245 -12.04 20.87 5.85
CA ARG A 245 -10.93 19.91 5.84
C ARG A 245 -11.14 18.83 4.79
N GLU A 246 -12.39 18.35 4.65
CA GLU A 246 -12.66 17.32 3.64
C GLU A 246 -12.30 17.83 2.24
N LEU A 247 -12.76 19.02 1.90
CA LEU A 247 -12.55 19.55 0.55
C LEU A 247 -11.09 19.93 0.32
N THR A 248 -10.43 20.57 1.29
CA THR A 248 -9.04 20.97 1.06
C THR A 248 -8.12 19.76 1.00
N LYS A 249 -8.41 18.72 1.78
CA LYS A 249 -7.63 17.49 1.70
C LYS A 249 -7.67 16.93 0.29
N LEU A 250 -8.87 16.82 -0.28
CA LEU A 250 -9.01 16.19 -1.59
C LEU A 250 -8.45 17.08 -2.69
N LYS A 251 -8.63 18.40 -2.56
CA LYS A 251 -8.11 19.30 -3.59
C LYS A 251 -6.59 19.37 -3.53
N SER A 252 -6.02 19.46 -2.33
CA SER A 252 -4.58 19.63 -2.21
C SER A 252 -3.80 18.35 -2.48
N THR A 253 -4.40 17.19 -2.24
CA THR A 253 -3.69 15.92 -2.36
C THR A 253 -3.93 15.21 -3.68
N TYR A 254 -5.11 15.39 -4.29
CA TYR A 254 -5.47 14.63 -5.48
C TYR A 254 -5.85 15.53 -6.65
N ILE A 255 -6.87 16.39 -6.47
CA ILE A 255 -7.45 17.10 -7.60
C ILE A 255 -6.41 17.97 -8.28
N ASP A 256 -5.64 18.72 -7.50
CA ASP A 256 -4.71 19.67 -8.11
C ASP A 256 -3.40 18.99 -8.52
N PRO A 257 -2.80 18.17 -7.66
CA PRO A 257 -1.47 17.62 -8.03
C PRO A 257 -1.48 16.61 -9.17
N LEU A 258 -2.45 15.72 -9.22
CA LEU A 258 -2.36 14.61 -10.18
C LEU A 258 -2.34 15.03 -11.63
N PRO A 259 -3.15 16.00 -12.09
CA PRO A 259 -3.07 16.39 -13.51
C PRO A 259 -1.70 16.92 -13.90
N ASP A 260 -0.93 17.46 -12.95
CA ASP A 260 0.37 18.01 -13.26
C ASP A 260 1.44 16.95 -13.42
N LEU A 261 1.10 15.69 -13.16
CA LEU A 261 2.06 14.59 -13.18
C LEU A 261 1.93 13.70 -14.40
N ILE A 262 1.11 14.09 -15.39
CA ILE A 262 1.01 13.31 -16.62
C ILE A 262 2.34 13.35 -17.35
N HIS A 263 2.82 12.18 -17.77
CA HIS A 263 4.13 12.09 -18.38
C HIS A 263 4.04 12.48 -19.86
N PRO A 264 5.01 13.25 -20.37
CA PRO A 264 4.88 13.78 -21.74
C PRO A 264 5.01 12.74 -22.83
N ARG A 265 5.69 11.61 -22.58
CA ARG A 265 5.86 10.60 -23.62
C ARG A 265 4.73 9.58 -23.62
N THR A 266 4.24 9.20 -22.45
CA THR A 266 3.18 8.21 -22.35
C THR A 266 1.79 8.82 -22.29
N GLY A 267 1.68 10.08 -21.88
CA GLY A 267 0.38 10.66 -21.63
C GLY A 267 -0.37 10.05 -20.48
N ARG A 268 0.34 9.37 -19.57
CA ARG A 268 -0.30 8.68 -18.44
C ARG A 268 0.39 9.06 -17.14
N LEU A 269 -0.19 8.57 -16.06
CA LEU A 269 0.26 8.80 -14.69
C LEU A 269 1.00 7.58 -14.19
N HIS A 270 2.19 7.78 -13.62
CA HIS A 270 3.07 6.67 -13.23
C HIS A 270 3.42 6.74 -11.76
N THR A 271 2.97 5.75 -11.01
CA THR A 271 3.34 5.59 -9.61
C THR A 271 4.59 4.72 -9.52
N ARG A 272 5.13 4.65 -8.31
CA ARG A 272 6.19 3.71 -7.98
C ARG A 272 5.61 2.67 -7.04
N PHE A 273 5.87 1.39 -7.31
CA PHE A 273 5.48 0.32 -6.38
C PHE A 273 6.73 -0.10 -5.62
N ASN A 274 6.85 0.36 -4.38
CA ASN A 274 8.01 0.12 -3.55
C ASN A 274 7.95 -1.26 -2.93
N GLN A 275 8.98 -2.07 -3.18
CA GLN A 275 8.99 -3.47 -2.82
C GLN A 275 9.66 -3.76 -1.49
N THR A 276 10.41 -2.82 -0.90
CA THR A 276 11.10 -3.07 0.37
C THR A 276 10.80 -1.92 1.32
N ALA A 277 9.52 -1.66 1.55
CA ALA A 277 9.06 -0.47 2.27
C ALA A 277 8.23 -0.72 3.51
N THR A 278 7.71 -1.93 3.73
CA THR A 278 6.80 -2.19 4.84
C THR A 278 7.28 -3.31 5.73
N ALA A 279 6.81 -3.28 6.97
CA ALA A 279 7.19 -4.26 7.97
C ALA A 279 6.50 -5.61 7.78
N THR A 280 5.46 -5.67 6.93
CA THR A 280 4.63 -6.87 6.85
C THR A 280 4.77 -7.62 5.55
N GLY A 281 5.45 -7.06 4.55
CA GLY A 281 5.52 -7.63 3.23
C GLY A 281 4.55 -7.04 2.23
N ARG A 282 3.72 -6.09 2.65
CA ARG A 282 2.95 -5.32 1.69
C ARG A 282 3.85 -4.51 0.77
N LEU A 283 3.34 -4.21 -0.42
CA LEU A 283 3.93 -3.16 -1.24
C LEU A 283 3.52 -1.80 -0.67
N SER A 284 4.21 -0.75 -1.11
CA SER A 284 3.70 0.60 -0.97
C SER A 284 3.72 1.27 -2.33
N SER A 285 3.09 2.45 -2.40
CA SER A 285 3.01 3.20 -3.64
C SER A 285 3.29 4.65 -3.31
N SER A 286 4.07 5.31 -4.16
CA SER A 286 4.46 6.69 -3.91
C SER A 286 4.74 7.41 -5.24
N ASP A 287 4.71 8.74 -5.17
CA ASP A 287 5.19 9.63 -6.21
C ASP A 287 4.45 9.49 -7.53
N PRO A 288 3.12 9.55 -7.55
CA PRO A 288 2.20 9.75 -6.43
C PRO A 288 1.73 8.43 -5.84
N ASN A 289 1.21 8.45 -4.62
CA ASN A 289 0.59 7.27 -4.04
C ASN A 289 -0.76 7.04 -4.70
N LEU A 290 -0.91 5.92 -5.43
CA LEU A 290 -2.18 5.54 -6.03
C LEU A 290 -2.86 4.44 -5.23
N GLN A 291 -2.40 4.18 -4.01
CA GLN A 291 -3.05 3.24 -3.11
C GLN A 291 -3.91 3.93 -2.07
N ASN A 292 -4.07 5.26 -2.14
CA ASN A 292 -5.01 5.93 -1.24
C ASN A 292 -5.87 6.93 -2.00
N ILE A 293 -6.27 6.57 -3.22
CA ILE A 293 -7.21 7.40 -3.97
C ILE A 293 -8.56 7.36 -3.27
N PRO A 294 -9.25 8.52 -3.10
CA PRO A 294 -10.52 8.55 -2.36
C PRO A 294 -11.57 7.60 -2.89
N VAL A 295 -12.49 7.20 -2.00
CA VAL A 295 -13.56 6.29 -2.38
C VAL A 295 -14.81 6.53 -1.54
N ARG A 296 -14.66 7.22 -0.40
CA ARG A 296 -15.71 7.26 0.60
C ARG A 296 -16.79 8.31 0.29
N THR A 297 -16.39 9.56 0.12
CA THR A 297 -17.36 10.64 0.03
C THR A 297 -17.76 10.89 -1.42
N PRO A 298 -18.82 11.66 -1.62
CA PRO A 298 -19.22 11.96 -3.01
C PRO A 298 -18.12 12.64 -3.81
N LEU A 299 -17.40 13.59 -3.22
CA LEU A 299 -16.28 14.20 -3.94
C LEU A 299 -15.16 13.19 -4.17
N GLY A 300 -14.89 12.34 -3.17
CA GLY A 300 -13.90 11.30 -3.38
C GLY A 300 -14.26 10.43 -4.58
N GLN A 301 -15.52 10.03 -4.67
CA GLN A 301 -15.94 9.17 -5.78
C GLN A 301 -15.76 9.88 -7.13
N ARG A 302 -16.03 11.18 -7.17
CA ARG A 302 -15.78 11.94 -8.40
C ARG A 302 -14.31 11.89 -8.79
N ILE A 303 -13.41 11.88 -7.80
CA ILE A 303 -11.98 11.82 -8.10
C ILE A 303 -11.63 10.45 -8.68
N ARG A 304 -12.17 9.39 -8.09
CA ARG A 304 -11.90 8.05 -8.58
C ARG A 304 -12.40 7.86 -10.00
N ARG A 305 -13.49 8.53 -10.38
CA ARG A 305 -13.97 8.44 -11.77
C ARG A 305 -12.99 9.01 -12.78
N ALA A 306 -12.01 9.80 -12.35
CA ALA A 306 -11.03 10.38 -13.28
C ALA A 306 -10.02 9.37 -13.78
N PHE A 307 -9.92 8.21 -13.13
CA PHE A 307 -9.01 7.15 -13.55
C PHE A 307 -9.73 6.28 -14.57
N ILE A 308 -9.28 6.34 -15.84
CA ILE A 308 -10.04 5.81 -16.96
C ILE A 308 -9.16 4.90 -17.81
N ALA A 309 -9.83 4.07 -18.59
CA ALA A 309 -9.17 3.20 -19.55
C ALA A 309 -8.81 3.97 -20.81
N GLU A 310 -7.77 3.48 -21.51
CA GLU A 310 -7.49 3.93 -22.86
C GLU A 310 -8.72 3.73 -23.74
N GLU A 311 -8.86 4.60 -24.73
CA GLU A 311 -9.96 4.49 -25.68
C GLU A 311 -9.94 3.13 -26.35
N GLY A 312 -11.10 2.48 -26.41
CA GLY A 312 -11.21 1.13 -26.93
C GLY A 312 -10.86 0.05 -25.93
N TRP A 313 -10.52 0.41 -24.70
CA TRP A 313 -10.18 -0.53 -23.64
C TRP A 313 -11.16 -0.36 -22.48
N LEU A 314 -11.12 -1.31 -21.55
CA LEU A 314 -11.87 -1.23 -20.30
C LEU A 314 -10.97 -1.55 -19.12
N LEU A 315 -11.31 -0.98 -17.96
CA LEU A 315 -10.67 -1.38 -16.72
C LEU A 315 -11.35 -2.59 -16.13
N VAL A 316 -10.55 -3.46 -15.51
CA VAL A 316 -11.04 -4.62 -14.79
C VAL A 316 -10.48 -4.52 -13.37
N ALA A 317 -11.37 -4.42 -12.39
CA ALA A 317 -11.00 -4.33 -10.99
C ALA A 317 -11.37 -5.62 -10.27
N LEU A 318 -10.39 -6.22 -9.57
CA LEU A 318 -10.58 -7.47 -8.85
C LEU A 318 -10.12 -7.26 -7.42
N ASP A 319 -10.95 -7.64 -6.46
CA ASP A 319 -10.66 -7.40 -5.05
C ASP A 319 -11.04 -8.61 -4.22
N TYR A 320 -10.11 -9.10 -3.41
CA TYR A 320 -10.38 -10.28 -2.58
C TYR A 320 -11.44 -9.97 -1.56
N SER A 321 -12.41 -10.86 -1.42
CA SER A 321 -13.45 -10.71 -0.41
C SER A 321 -12.92 -10.98 0.99
N GLN A 322 -13.16 -10.05 1.92
CA GLN A 322 -12.93 -10.27 3.35
C GLN A 322 -11.58 -10.93 3.63
N ILE A 323 -10.54 -10.42 2.98
CA ILE A 323 -9.35 -11.24 2.76
C ILE A 323 -8.66 -11.58 4.07
N GLU A 324 -8.47 -10.61 4.97
CA GLU A 324 -7.72 -10.94 6.17
C GLU A 324 -8.54 -11.80 7.14
N LEU A 325 -9.87 -11.78 7.05
CA LEU A 325 -10.66 -12.72 7.85
C LEU A 325 -10.55 -14.13 7.31
N ARG A 326 -10.46 -14.28 5.99
CA ARG A 326 -10.23 -15.61 5.43
C ARG A 326 -8.85 -16.12 5.81
N VAL A 327 -7.84 -15.25 5.74
CA VAL A 327 -6.50 -15.66 6.16
C VAL A 327 -6.50 -16.05 7.63
N LEU A 328 -7.16 -15.24 8.48
CA LEU A 328 -7.26 -15.58 9.89
C LEU A 328 -7.89 -16.95 10.09
N ALA A 329 -8.95 -17.26 9.34
CA ALA A 329 -9.57 -18.56 9.48
C ALA A 329 -8.56 -19.69 9.22
N HIS A 330 -7.72 -19.53 8.19
CA HIS A 330 -6.76 -20.58 7.87
C HIS A 330 -5.65 -20.66 8.91
N LEU A 331 -5.13 -19.51 9.35
CA LEU A 331 -4.02 -19.52 10.30
C LEU A 331 -4.44 -20.05 11.65
N SER A 332 -5.61 -19.59 12.15
CA SER A 332 -6.10 -19.98 13.46
C SER A 332 -6.74 -21.37 13.45
N GLY A 333 -7.38 -21.76 12.36
CA GLY A 333 -8.12 -22.99 12.35
C GLY A 333 -9.43 -22.96 13.09
N ASP A 334 -9.95 -21.77 13.41
CA ASP A 334 -11.23 -21.66 14.09
C ASP A 334 -12.33 -22.25 13.21
N GLU A 335 -12.98 -23.31 13.73
CA GLU A 335 -14.00 -23.99 12.92
C GLU A 335 -15.17 -23.07 12.64
N ASN A 336 -15.56 -22.25 13.62
CA ASN A 336 -16.67 -21.31 13.41
C ASN A 336 -16.35 -20.33 12.29
N LEU A 337 -15.13 -19.80 12.28
CA LEU A 337 -14.77 -18.84 11.23
C LEU A 337 -14.61 -19.53 9.89
N ILE A 338 -14.06 -20.75 9.88
CA ILE A 338 -14.01 -21.53 8.65
C ILE A 338 -15.41 -21.76 8.11
N ARG A 339 -16.34 -22.14 8.99
CA ARG A 339 -17.70 -22.42 8.55
C ARG A 339 -18.36 -21.18 7.95
N VAL A 340 -18.05 -20.01 8.49
CA VAL A 340 -18.60 -18.75 7.95
C VAL A 340 -18.33 -18.66 6.45
N PHE A 341 -17.09 -18.93 6.04
CA PHE A 341 -16.72 -18.75 4.64
C PHE A 341 -17.10 -19.94 3.78
N GLN A 342 -17.10 -21.15 4.33
CA GLN A 342 -17.65 -22.28 3.60
C GLN A 342 -19.16 -22.18 3.42
N GLU A 343 -19.82 -21.27 4.14
CA GLU A 343 -21.26 -21.06 4.02
C GLU A 343 -21.62 -19.80 3.24
N GLY A 344 -20.62 -19.05 2.77
CA GLY A 344 -20.87 -17.85 1.99
C GLY A 344 -21.34 -16.65 2.78
N ARG A 345 -21.11 -16.63 4.09
CA ARG A 345 -21.53 -15.50 4.91
C ARG A 345 -20.56 -14.33 4.74
N ASP A 346 -21.03 -13.15 5.12
CA ASP A 346 -20.27 -11.91 4.99
C ASP A 346 -20.27 -11.20 6.34
N ILE A 347 -19.12 -11.22 7.02
CA ILE A 347 -19.06 -10.68 8.37
C ILE A 347 -19.14 -9.16 8.35
N HIS A 348 -18.63 -8.52 7.30
CA HIS A 348 -18.76 -7.07 7.20
C HIS A 348 -20.23 -6.66 7.07
N THR A 349 -21.01 -7.40 6.28
CA THR A 349 -22.43 -7.07 6.16
C THR A 349 -23.17 -7.32 7.47
N GLU A 350 -22.79 -8.39 8.18
CA GLU A 350 -23.47 -8.73 9.42
C GLU A 350 -23.18 -7.70 10.51
N THR A 351 -21.94 -7.19 10.56
CA THR A 351 -21.65 -6.11 11.51
C THR A 351 -22.34 -4.82 11.11
N ALA A 352 -22.42 -4.54 9.80
CA ALA A 352 -23.11 -3.34 9.34
C ALA A 352 -24.58 -3.38 9.71
N SER A 353 -25.25 -4.51 9.42
CA SER A 353 -26.67 -4.62 9.77
C SER A 353 -26.90 -4.34 11.24
N TRP A 354 -25.99 -4.82 12.10
CA TRP A 354 -26.13 -4.60 13.54
C TRP A 354 -25.83 -3.15 13.91
N MET A 355 -24.74 -2.60 13.37
CA MET A 355 -24.38 -1.22 13.64
C MET A 355 -25.53 -0.27 13.33
N PHE A 356 -26.04 -0.34 12.10
CA PHE A 356 -27.05 0.59 11.63
C PHE A 356 -28.47 0.09 11.87
N GLY A 357 -28.63 -1.12 12.41
CA GLY A 357 -29.95 -1.65 12.68
C GLY A 357 -30.82 -1.75 11.45
N VAL A 358 -30.35 -2.48 10.44
CA VAL A 358 -31.11 -2.66 9.20
C VAL A 358 -30.86 -4.07 8.67
N PRO A 359 -31.76 -4.63 7.85
CA PRO A 359 -31.50 -5.93 7.24
C PRO A 359 -30.28 -5.87 6.33
N ARG A 360 -29.68 -7.05 6.11
CA ARG A 360 -28.51 -7.13 5.23
C ARG A 360 -28.79 -6.45 3.90
N GLU A 361 -29.98 -6.68 3.33
CA GLU A 361 -30.32 -6.07 2.05
C GLU A 361 -30.18 -4.56 2.10
N ALA A 362 -30.39 -3.95 3.27
CA ALA A 362 -30.41 -2.51 3.42
C ALA A 362 -29.03 -1.89 3.60
N VAL A 363 -27.99 -2.70 3.72
CA VAL A 363 -26.63 -2.18 3.86
C VAL A 363 -26.11 -1.80 2.47
N ASP A 364 -25.46 -0.64 2.39
CA ASP A 364 -24.83 -0.17 1.17
C ASP A 364 -23.31 -0.21 1.32
N PRO A 365 -22.57 -0.08 0.20
CA PRO A 365 -21.11 -0.24 0.28
C PRO A 365 -20.43 0.66 1.31
N LEU A 366 -20.98 1.84 1.59
CA LEU A 366 -20.36 2.72 2.57
C LEU A 366 -20.53 2.17 3.98
N MET A 367 -21.78 1.86 4.36
CA MET A 367 -22.04 1.26 5.67
C MET A 367 -21.23 -0.01 5.86
N ARG A 368 -21.10 -0.80 4.79
CA ARG A 368 -20.29 -2.02 4.87
C ARG A 368 -18.82 -1.69 5.06
N ARG A 369 -18.32 -0.70 4.33
N ARG A 369 -18.31 -0.69 4.35
CA ARG A 369 -16.94 -0.28 4.47
CA ARG A 369 -16.90 -0.34 4.50
C ARG A 369 -16.65 0.21 5.90
C ARG A 369 -16.63 0.23 5.89
N ALA A 370 -17.63 0.81 6.55
CA ALA A 370 -17.46 1.28 7.91
C ALA A 370 -17.54 0.15 8.92
N ALA A 371 -18.39 -0.85 8.66
CA ALA A 371 -18.37 -2.06 9.47
C ALA A 371 -17.06 -2.83 9.30
N LYS A 372 -16.47 -2.77 8.11
CA LYS A 372 -15.15 -3.37 7.92
C LYS A 372 -14.15 -2.80 8.91
N THR A 373 -14.16 -1.47 9.11
CA THR A 373 -13.25 -0.84 10.04
C THR A 373 -13.46 -1.38 11.45
N ILE A 374 -14.72 -1.59 11.82
CA ILE A 374 -15.03 -2.09 13.16
C ILE A 374 -14.51 -3.52 13.32
N ASN A 375 -14.75 -4.38 12.33
CA ASN A 375 -14.36 -5.77 12.46
C ASN A 375 -12.85 -5.93 12.60
N PHE A 376 -12.09 -5.19 11.81
CA PHE A 376 -10.64 -5.30 11.94
C PHE A 376 -10.13 -4.51 13.15
N GLY A 377 -10.77 -3.38 13.46
CA GLY A 377 -10.41 -2.67 14.67
C GLY A 377 -10.50 -3.56 15.89
N VAL A 378 -11.64 -4.23 16.05
CA VAL A 378 -11.85 -5.13 17.18
C VAL A 378 -10.84 -6.28 17.15
N LEU A 379 -10.63 -6.88 15.98
CA LEU A 379 -9.73 -8.03 15.90
C LEU A 379 -8.34 -7.69 16.39
N TYR A 380 -7.78 -6.57 15.91
CA TYR A 380 -6.41 -6.22 16.20
C TYR A 380 -6.25 -5.37 17.47
N GLY A 381 -7.28 -5.29 18.30
CA GLY A 381 -7.13 -4.85 19.68
C GLY A 381 -7.79 -3.53 20.07
N MET A 382 -8.75 -3.03 19.31
CA MET A 382 -9.41 -1.77 19.66
C MET A 382 -10.01 -1.85 21.07
N SER A 383 -9.94 -0.74 21.79
CA SER A 383 -10.50 -0.67 23.13
C SER A 383 -12.00 -0.40 23.07
N ALA A 384 -12.69 -0.80 24.14
CA ALA A 384 -14.12 -0.53 24.26
C ALA A 384 -14.39 0.97 24.34
N HIS A 385 -13.50 1.71 24.99
CA HIS A 385 -13.64 3.16 25.04
C HIS A 385 -13.69 3.74 23.63
N ARG A 386 -12.68 3.42 22.81
CA ARG A 386 -12.68 3.92 21.44
C ARG A 386 -13.88 3.41 20.66
N LEU A 387 -14.19 2.13 20.79
CA LEU A 387 -15.32 1.56 20.04
C LEU A 387 -16.61 2.25 20.41
N SER A 388 -16.80 2.57 21.71
CA SER A 388 -18.02 3.23 22.13
C SER A 388 -18.11 4.63 21.56
N GLN A 389 -16.98 5.28 21.31
CA GLN A 389 -16.99 6.59 20.66
C GLN A 389 -17.25 6.46 19.17
N GLU A 390 -16.59 5.50 18.51
CA GLU A 390 -16.75 5.32 17.07
C GLU A 390 -18.20 5.02 16.70
N LEU A 391 -18.90 4.23 17.53
CA LEU A 391 -20.24 3.77 17.22
C LEU A 391 -21.34 4.57 17.91
N ALA A 392 -20.97 5.54 18.74
CA ALA A 392 -21.96 6.37 19.44
C ALA A 392 -22.87 5.50 20.32
N ILE A 393 -22.29 4.53 21.00
CA ILE A 393 -23.03 3.66 21.91
C ILE A 393 -22.38 3.71 23.28
N PRO A 394 -23.03 3.22 24.32
CA PRO A 394 -22.41 3.23 25.66
C PRO A 394 -21.18 2.35 25.70
N TYR A 395 -20.27 2.70 26.62
CA TYR A 395 -19.11 1.86 26.90
C TYR A 395 -19.53 0.40 27.10
N GLU A 396 -20.62 0.19 27.84
CA GLU A 396 -21.02 -1.17 28.18
C GLU A 396 -21.40 -1.96 26.94
N GLU A 397 -22.08 -1.33 25.98
CA GLU A 397 -22.49 -2.05 24.77
C GLU A 397 -21.30 -2.33 23.85
N ALA A 398 -20.31 -1.44 23.82
CA ALA A 398 -19.11 -1.71 23.06
C ALA A 398 -18.33 -2.87 23.69
N GLN A 399 -18.15 -2.83 25.01
CA GLN A 399 -17.57 -3.94 25.74
C GLN A 399 -18.21 -5.26 25.33
N ALA A 400 -19.54 -5.29 25.32
CA ALA A 400 -20.25 -6.53 25.01
C ALA A 400 -19.98 -6.98 23.57
N PHE A 401 -19.85 -6.03 22.65
CA PHE A 401 -19.62 -6.40 21.25
C PHE A 401 -18.27 -7.08 21.08
N ILE A 402 -17.24 -6.55 21.75
CA ILE A 402 -15.91 -7.15 21.68
C ILE A 402 -15.93 -8.55 22.26
N GLU A 403 -16.67 -8.77 23.34
CA GLU A 403 -16.72 -10.08 23.97
C GLU A 403 -17.38 -11.11 23.06
N ARG A 404 -18.54 -10.77 22.48
CA ARG A 404 -19.24 -11.70 21.60
C ARG A 404 -18.42 -11.98 20.34
N TYR A 405 -17.77 -10.94 19.80
CA TYR A 405 -16.92 -11.12 18.63
C TYR A 405 -15.95 -12.28 18.81
N PHE A 406 -15.19 -12.26 19.90
CA PHE A 406 -14.19 -13.31 20.13
C PHE A 406 -14.81 -14.60 20.62
N GLN A 407 -15.91 -14.51 21.37
CA GLN A 407 -16.63 -15.72 21.77
C GLN A 407 -17.17 -16.47 20.55
N SER A 408 -17.42 -15.73 19.46
CA SER A 408 -17.89 -16.38 18.24
C SER A 408 -16.81 -17.23 17.58
N PHE A 409 -15.54 -16.81 17.70
CA PHE A 409 -14.43 -17.49 17.04
C PHE A 409 -13.37 -17.78 18.10
N PRO A 410 -13.60 -18.79 18.95
CA PRO A 410 -12.76 -18.96 20.15
C PRO A 410 -11.31 -19.35 19.85
N LYS A 411 -11.02 -19.96 18.70
CA LYS A 411 -9.63 -20.29 18.39
C LYS A 411 -8.81 -19.07 18.00
N VAL A 412 -9.44 -17.92 17.78
CA VAL A 412 -8.69 -16.73 17.39
C VAL A 412 -7.83 -16.24 18.54
N ARG A 413 -8.41 -16.11 19.73
CA ARG A 413 -7.63 -15.68 20.88
C ARG A 413 -6.51 -16.66 21.17
N ALA A 414 -6.77 -17.96 20.99
CA ALA A 414 -5.74 -18.96 21.20
C ALA A 414 -4.61 -18.80 20.20
N TRP A 415 -4.95 -18.47 18.95
CA TRP A 415 -3.92 -18.22 17.95
C TRP A 415 -3.15 -16.95 18.27
N ILE A 416 -3.84 -15.91 18.74
CA ILE A 416 -3.13 -14.69 19.11
C ILE A 416 -2.07 -14.99 20.17
N GLU A 417 -2.46 -15.68 21.24
CA GLU A 417 -1.49 -15.90 22.31
C GLU A 417 -0.38 -16.87 21.89
N LYS A 418 -0.69 -17.84 21.03
CA LYS A 418 0.36 -18.72 20.50
C LYS A 418 1.36 -17.92 19.66
N THR A 419 0.87 -17.01 18.83
CA THR A 419 1.75 -16.21 17.99
C THR A 419 2.70 -15.36 18.84
N LEU A 420 2.17 -14.73 19.88
CA LEU A 420 3.01 -13.89 20.73
C LEU A 420 4.05 -14.71 21.49
N GLU A 421 3.69 -15.93 21.91
CA GLU A 421 4.65 -16.75 22.63
C GLU A 421 5.84 -17.11 21.75
N GLU A 422 5.58 -17.51 20.50
CA GLU A 422 6.68 -17.83 19.60
C GLU A 422 7.45 -16.57 19.19
N GLY A 423 6.78 -15.42 19.11
CA GLY A 423 7.49 -14.19 18.82
C GLY A 423 8.42 -13.79 19.94
N ARG A 424 8.03 -14.07 21.19
CA ARG A 424 8.92 -13.79 22.31
C ARG A 424 10.14 -14.71 22.28
N ARG A 425 9.91 -16.00 22.04
CA ARG A 425 11.02 -16.95 22.10
C ARG A 425 11.96 -16.76 20.92
N ARG A 426 11.41 -16.55 19.73
CA ARG A 426 12.19 -16.43 18.51
C ARG A 426 12.70 -15.02 18.27
N GLY A 427 11.97 -14.01 18.73
CA GLY A 427 12.27 -12.64 18.38
C GLY A 427 11.58 -12.13 17.13
N TYR A 428 10.90 -13.01 16.38
CA TYR A 428 10.17 -12.63 15.19
C TYR A 428 8.88 -13.43 15.09
N VAL A 429 7.94 -12.90 14.31
CA VAL A 429 6.73 -13.58 13.91
C VAL A 429 6.84 -13.80 12.40
N GLU A 430 6.01 -14.70 11.87
CA GLU A 430 6.15 -15.06 10.46
C GLU A 430 4.80 -15.29 9.81
N THR A 431 4.77 -15.11 8.48
CA THR A 431 3.59 -15.41 7.68
C THR A 431 3.52 -16.91 7.36
N LEU A 432 2.45 -17.28 6.66
CA LEU A 432 2.27 -18.69 6.27
C LEU A 432 3.45 -19.20 5.47
N PHE A 433 4.03 -18.35 4.64
CA PHE A 433 5.16 -18.73 3.79
C PHE A 433 6.50 -18.52 4.45
N GLY A 434 6.54 -18.02 5.68
CA GLY A 434 7.78 -17.83 6.40
C GLY A 434 8.39 -16.44 6.32
N ARG A 435 7.70 -15.46 5.71
CA ARG A 435 8.17 -14.09 5.80
C ARG A 435 8.21 -13.67 7.26
N ARG A 436 9.30 -13.00 7.67
CA ARG A 436 9.53 -12.69 9.07
C ARG A 436 9.45 -11.21 9.35
N ARG A 437 9.00 -10.87 10.56
CA ARG A 437 9.10 -9.51 11.09
C ARG A 437 9.66 -9.62 12.51
N TYR A 438 10.75 -8.91 12.77
CA TYR A 438 11.34 -8.95 14.10
C TYR A 438 10.63 -7.97 15.03
N VAL A 439 10.20 -8.46 16.19
CA VAL A 439 9.46 -7.64 17.14
C VAL A 439 10.13 -7.78 18.50
N PRO A 440 11.25 -7.10 18.72
CA PRO A 440 11.96 -7.24 19.99
C PRO A 440 11.18 -6.70 21.17
N ASP A 441 10.32 -5.70 20.96
CA ASP A 441 9.63 -5.08 22.09
C ASP A 441 8.56 -5.98 22.71
N LEU A 442 8.36 -7.21 22.21
CA LEU A 442 7.49 -8.17 22.90
C LEU A 442 7.96 -8.47 24.31
N GLU A 443 9.23 -8.21 24.60
CA GLU A 443 9.83 -8.42 25.91
C GLU A 443 10.00 -7.12 26.69
N ALA A 444 9.43 -6.03 26.20
CA ALA A 444 9.59 -4.74 26.85
C ALA A 444 8.97 -4.74 28.24
N ARG A 445 9.61 -4.04 29.17
CA ARG A 445 9.15 -3.95 30.55
C ARG A 445 8.16 -2.81 30.79
N VAL A 446 7.97 -1.93 29.82
CA VAL A 446 6.92 -0.90 29.88
C VAL A 446 5.70 -1.48 29.20
N LYS A 447 4.57 -1.53 29.90
CA LYS A 447 3.42 -2.27 29.40
C LYS A 447 2.87 -1.67 28.11
N SER A 448 2.74 -0.34 28.05
CA SER A 448 2.17 0.28 26.87
C SER A 448 3.01 -0.01 25.63
N VAL A 449 4.34 -0.01 25.78
CA VAL A 449 5.25 -0.32 24.66
C VAL A 449 5.11 -1.79 24.28
N ARG A 450 5.17 -2.67 25.28
CA ARG A 450 5.03 -4.09 25.02
C ARG A 450 3.70 -4.41 24.36
N GLU A 451 2.61 -3.81 24.83
CA GLU A 451 1.31 -4.13 24.27
C GLU A 451 1.14 -3.55 22.86
N ALA A 452 1.71 -2.38 22.58
CA ALA A 452 1.75 -1.92 21.20
C ALA A 452 2.50 -2.92 20.33
N ALA A 453 3.65 -3.41 20.82
CA ALA A 453 4.42 -4.39 20.06
C ALA A 453 3.60 -5.65 19.81
N GLU A 454 2.81 -6.08 20.80
CA GLU A 454 2.00 -7.29 20.63
C GLU A 454 0.99 -7.10 19.49
N ARG A 455 0.32 -5.95 19.45
CA ARG A 455 -0.66 -5.71 18.39
C ARG A 455 -0.01 -5.67 17.02
N MET A 456 1.17 -5.05 16.92
CA MET A 456 1.94 -5.11 15.68
C MET A 456 2.29 -6.54 15.33
N ALA A 457 2.65 -7.34 16.34
CA ALA A 457 3.23 -8.65 16.10
C ALA A 457 2.19 -9.65 15.60
N PHE A 458 1.02 -9.69 16.22
CA PHE A 458 0.05 -10.66 15.74
C PHE A 458 -0.77 -10.14 14.57
N ASN A 459 -0.68 -8.86 14.24
CA ASN A 459 -1.23 -8.40 12.97
C ASN A 459 -0.40 -8.90 11.78
N MET A 460 0.93 -8.96 11.95
CA MET A 460 1.78 -9.19 10.79
C MET A 460 1.56 -10.53 10.10
N PRO A 461 1.37 -11.66 10.80
CA PRO A 461 1.09 -12.90 10.08
C PRO A 461 -0.14 -12.84 9.21
N VAL A 462 -1.17 -12.11 9.65
CA VAL A 462 -2.41 -12.03 8.89
C VAL A 462 -2.25 -11.11 7.69
N GLN A 463 -1.84 -9.87 7.94
CA GLN A 463 -1.67 -8.92 6.85
C GLN A 463 -0.58 -9.37 5.90
N GLY A 464 0.49 -9.97 6.44
CA GLY A 464 1.60 -10.40 5.60
C GLY A 464 1.27 -11.60 4.75
N THR A 465 0.51 -12.56 5.29
CA THR A 465 0.05 -13.69 4.47
C THR A 465 -0.82 -13.20 3.33
N ALA A 466 -1.74 -12.27 3.62
CA ALA A 466 -2.56 -11.72 2.54
C ALA A 466 -1.67 -11.07 1.48
N ALA A 467 -0.59 -10.41 1.91
CA ALA A 467 0.35 -9.81 0.95
C ALA A 467 1.11 -10.86 0.15
N ASP A 468 1.60 -11.91 0.83
CA ASP A 468 2.25 -12.99 0.11
C ASP A 468 1.35 -13.55 -0.98
N LEU A 469 0.06 -13.78 -0.65
CA LEU A 469 -0.87 -14.37 -1.60
C LEU A 469 -1.09 -13.44 -2.80
N MET A 470 -1.34 -12.15 -2.52
CA MET A 470 -1.52 -11.18 -3.60
C MET A 470 -0.28 -11.14 -4.49
N LYS A 471 0.92 -11.17 -3.90
CA LYS A 471 2.14 -11.11 -4.71
C LYS A 471 2.28 -12.36 -5.57
N LEU A 472 2.01 -13.53 -5.00
CA LEU A 472 2.08 -14.76 -5.77
C LEU A 472 1.06 -14.76 -6.89
N ALA A 473 -0.14 -14.20 -6.63
CA ALA A 473 -1.15 -14.11 -7.68
C ALA A 473 -0.70 -13.21 -8.82
N MET A 474 -0.06 -12.08 -8.50
CA MET A 474 0.44 -11.19 -9.54
C MET A 474 1.47 -11.90 -10.39
N VAL A 475 2.36 -12.67 -9.76
CA VAL A 475 3.42 -13.37 -10.48
C VAL A 475 2.82 -14.40 -11.43
N LYS A 476 1.79 -15.11 -10.97
CA LYS A 476 1.12 -16.09 -11.81
C LYS A 476 0.32 -15.43 -12.91
N LEU A 477 -0.38 -14.34 -12.59
CA LEU A 477 -1.32 -13.73 -13.53
C LEU A 477 -0.58 -12.98 -14.65
N PHE A 478 0.51 -12.27 -14.34
CA PHE A 478 1.10 -11.39 -15.35
C PHE A 478 1.34 -12.06 -16.69
N PRO A 479 2.02 -13.20 -16.78
CA PRO A 479 2.24 -13.80 -18.11
C PRO A 479 0.95 -14.15 -18.83
N ARG A 480 -0.11 -14.53 -18.09
CA ARG A 480 -1.37 -14.82 -18.75
C ARG A 480 -1.97 -13.57 -19.39
N LEU A 481 -1.79 -12.41 -18.76
CA LEU A 481 -2.32 -11.17 -19.32
C LEU A 481 -1.53 -10.78 -20.56
N GLU A 482 -0.20 -10.90 -20.51
CA GLU A 482 0.59 -10.58 -21.68
C GLU A 482 0.14 -11.40 -22.88
N GLU A 483 -0.15 -12.68 -22.66
CA GLU A 483 -0.62 -13.55 -23.75
C GLU A 483 -1.90 -13.02 -24.37
N MET A 484 -2.79 -12.45 -23.57
CA MET A 484 -4.09 -12.01 -24.03
C MET A 484 -4.11 -10.55 -24.45
N GLY A 485 -2.97 -9.86 -24.38
CA GLY A 485 -2.92 -8.47 -24.79
C GLY A 485 -3.49 -7.52 -23.77
N ALA A 486 -3.52 -7.90 -22.50
CA ALA A 486 -4.00 -7.06 -21.44
C ALA A 486 -2.84 -6.57 -20.59
N ARG A 487 -3.13 -5.57 -19.76
CA ARG A 487 -2.14 -4.86 -18.96
C ARG A 487 -2.51 -4.94 -17.50
N MET A 488 -1.49 -5.02 -16.65
CA MET A 488 -1.67 -4.87 -15.22
C MET A 488 -1.26 -3.45 -14.86
N LEU A 489 -2.15 -2.68 -14.24
CA LEU A 489 -1.91 -1.27 -14.00
C LEU A 489 -1.60 -0.96 -12.54
N LEU A 490 -2.45 -1.40 -11.64
CA LEU A 490 -2.37 -0.99 -10.25
C LEU A 490 -2.60 -2.19 -9.34
N GLN A 491 -1.99 -2.13 -8.16
CA GLN A 491 -2.28 -3.05 -7.07
C GLN A 491 -2.62 -2.19 -5.87
N VAL A 492 -3.68 -2.56 -5.16
CA VAL A 492 -4.06 -1.83 -3.94
C VAL A 492 -4.26 -2.85 -2.82
N HIS A 493 -3.17 -3.56 -2.52
CA HIS A 493 -3.02 -4.50 -1.41
C HIS A 493 -3.74 -5.83 -1.57
N ASP A 494 -5.04 -5.82 -1.82
CA ASP A 494 -5.77 -7.05 -2.14
C ASP A 494 -6.59 -6.87 -3.41
N GLU A 495 -6.18 -5.94 -4.25
CA GLU A 495 -6.92 -5.55 -5.43
C GLU A 495 -5.94 -5.34 -6.58
N LEU A 496 -6.37 -5.74 -7.77
CA LEU A 496 -5.67 -5.40 -9.01
C LEU A 496 -6.63 -4.62 -9.91
N VAL A 497 -6.08 -3.61 -10.59
CA VAL A 497 -6.76 -2.93 -11.69
C VAL A 497 -6.00 -3.28 -12.95
N LEU A 498 -6.70 -3.92 -13.89
CA LEU A 498 -6.17 -4.29 -15.19
C LEU A 498 -6.81 -3.43 -16.26
N GLU A 499 -6.19 -3.43 -17.43
CA GLU A 499 -6.71 -2.75 -18.61
C GLU A 499 -6.70 -3.76 -19.75
N ALA A 500 -7.85 -3.94 -20.39
CA ALA A 500 -8.02 -4.96 -21.42
C ALA A 500 -8.70 -4.36 -22.64
N PRO A 501 -8.36 -4.83 -23.84
CA PRO A 501 -9.17 -4.45 -25.00
C PRO A 501 -10.62 -4.81 -24.75
N LYS A 502 -11.52 -3.97 -25.23
CA LYS A 502 -12.95 -4.19 -24.97
C LYS A 502 -13.37 -5.59 -25.37
N GLU A 503 -12.93 -6.07 -26.54
CA GLU A 503 -13.36 -7.37 -27.03
C GLU A 503 -12.86 -8.52 -26.15
N ARG A 504 -11.87 -8.29 -25.31
CA ARG A 504 -11.31 -9.35 -24.47
C ARG A 504 -11.56 -9.13 -22.99
N ALA A 505 -12.20 -8.02 -22.62
CA ALA A 505 -12.31 -7.66 -21.21
C ALA A 505 -13.00 -8.75 -20.41
N GLU A 506 -14.07 -9.35 -20.95
CA GLU A 506 -14.80 -10.36 -20.20
C GLU A 506 -13.92 -11.60 -19.98
N ALA A 507 -13.18 -12.03 -21.02
CA ALA A 507 -12.30 -13.18 -20.87
C ALA A 507 -11.18 -12.91 -19.87
N VAL A 508 -10.58 -11.72 -19.93
CA VAL A 508 -9.53 -11.34 -18.99
C VAL A 508 -10.08 -11.34 -17.56
N ALA A 509 -11.30 -10.83 -17.37
CA ALA A 509 -11.88 -10.77 -16.03
C ALA A 509 -12.10 -12.16 -15.46
N ARG A 510 -12.68 -13.06 -16.26
CA ARG A 510 -12.88 -14.43 -15.82
C ARG A 510 -11.56 -15.10 -15.47
N LEU A 511 -10.56 -14.94 -16.34
CA LEU A 511 -9.26 -15.57 -16.12
C LEU A 511 -8.60 -15.02 -14.86
N ALA A 512 -8.53 -13.70 -14.73
CA ALA A 512 -7.86 -13.11 -13.59
C ALA A 512 -8.53 -13.49 -12.28
N LYS A 513 -9.85 -13.56 -12.28
CA LYS A 513 -10.57 -13.99 -11.08
C LYS A 513 -10.18 -15.41 -10.69
N GLU A 514 -10.11 -16.32 -11.66
CA GLU A 514 -9.78 -17.70 -11.34
C GLU A 514 -8.35 -17.81 -10.84
N VAL A 515 -7.42 -17.09 -11.47
CA VAL A 515 -6.03 -17.12 -11.03
C VAL A 515 -5.92 -16.61 -9.59
N MET A 516 -6.63 -15.55 -9.26
CA MET A 516 -6.51 -14.96 -7.93
C MET A 516 -7.16 -15.87 -6.88
N GLU A 517 -8.32 -16.46 -7.20
CA GLU A 517 -9.00 -17.31 -6.23
C GLU A 517 -8.24 -18.60 -5.97
N GLY A 518 -7.51 -19.11 -6.96
CA GLY A 518 -6.83 -20.38 -6.82
C GLY A 518 -5.33 -20.26 -6.58
N VAL A 519 -4.85 -19.07 -6.23
CA VAL A 519 -3.42 -18.81 -6.12
C VAL A 519 -2.75 -19.83 -5.20
N TYR A 520 -3.40 -20.18 -4.08
CA TYR A 520 -2.83 -21.05 -3.07
C TYR A 520 -3.95 -21.57 -2.18
N PRO A 521 -4.52 -22.73 -2.48
CA PRO A 521 -5.70 -23.18 -1.74
C PRO A 521 -5.47 -23.20 -0.23
N LEU A 522 -6.44 -22.67 0.49
CA LEU A 522 -6.44 -22.61 1.95
C LEU A 522 -7.60 -23.46 2.49
N ALA A 523 -7.77 -23.43 3.82
CA ALA A 523 -8.87 -24.13 4.45
C ALA A 523 -10.20 -23.46 4.19
N VAL A 524 -10.21 -22.27 3.61
CA VAL A 524 -11.44 -21.58 3.20
C VAL A 524 -11.26 -21.16 1.76
N PRO A 525 -12.34 -21.04 1.00
CA PRO A 525 -12.21 -20.53 -0.36
C PRO A 525 -11.81 -19.08 -0.33
N LEU A 526 -10.99 -18.68 -1.29
CA LEU A 526 -10.80 -17.28 -1.57
C LEU A 526 -11.80 -16.90 -2.66
N GLU A 527 -12.57 -15.85 -2.40
CA GLU A 527 -13.52 -15.33 -3.37
C GLU A 527 -13.07 -13.96 -3.79
N VAL A 528 -13.18 -13.68 -5.08
CA VAL A 528 -12.74 -12.41 -5.64
C VAL A 528 -13.94 -11.74 -6.30
N GLU A 529 -14.15 -10.47 -5.97
CA GLU A 529 -15.18 -9.66 -6.61
C GLU A 529 -14.57 -8.92 -7.78
N VAL A 530 -15.25 -8.97 -8.93
CA VAL A 530 -14.69 -8.42 -10.16
C VAL A 530 -15.73 -7.51 -10.81
N GLY A 531 -15.25 -6.40 -11.37
CA GLY A 531 -16.10 -5.53 -12.15
C GLY A 531 -15.33 -5.00 -13.33
N ILE A 532 -16.08 -4.52 -14.32
CA ILE A 532 -15.54 -4.01 -15.57
C ILE A 532 -16.18 -2.65 -15.84
N GLY A 533 -15.36 -1.68 -16.22
CA GLY A 533 -15.93 -0.39 -16.56
C GLY A 533 -14.90 0.51 -17.18
N GLU A 534 -15.37 1.61 -17.76
CA GLU A 534 -14.48 2.57 -18.38
C GLU A 534 -13.71 3.41 -17.37
N ASP A 535 -14.13 3.42 -16.11
CA ASP A 535 -13.44 4.18 -15.07
C ASP A 535 -13.35 3.32 -13.82
N TRP A 536 -12.47 3.75 -12.90
CA TRP A 536 -12.15 2.93 -11.74
C TRP A 536 -13.35 2.79 -10.80
N LEU A 537 -14.13 3.86 -10.66
CA LEU A 537 -15.34 3.78 -9.85
C LEU A 537 -16.33 2.78 -10.42
N SER A 538 -16.59 2.84 -11.72
N SER A 538 -16.59 2.85 -11.73
CA SER A 538 -17.56 1.94 -12.35
CA SER A 538 -17.55 1.94 -12.35
C SER A 538 -17.07 0.50 -12.39
C SER A 538 -17.07 0.49 -12.30
N ALA A 539 -15.75 0.28 -12.37
CA ALA A 539 -15.20 -1.07 -12.38
C ALA A 539 -15.28 -1.78 -11.03
N LYS A 540 -15.53 -1.07 -9.94
CA LYS A 540 -15.66 -1.69 -8.63
C LYS A 540 -17.13 -1.82 -8.19
N GLU A 541 -18.08 -1.64 -9.10
CA GLU A 541 -19.50 -1.79 -8.77
C GLU A 541 -20.00 -3.20 -9.10
#